data_5KUP
#
_entry.id   5KUP
#
_cell.length_a   108.373
_cell.length_b   108.373
_cell.length_c   42.453
_cell.angle_alpha   90.00
_cell.angle_beta   90.00
_cell.angle_gamma   120.00
#
_symmetry.space_group_name_H-M   'P 61'
#
loop_
_entity.id
_entity.type
_entity.pdbx_description
1 polymer 'Tyrosine-protein kinase BTK'
2 non-polymer 'SULFATE ION'
3 non-polymer GLYCEROL
4 non-polymer 2-(2-METHOXYETHOXY)ETHANOL
5 non-polymer 6-~{tert}-butyl-8-fluoranyl-2-[3-(hydroxymethyl)-4-[1-methyl-6-oxidanylidene-5-(pyrimidin-4-ylamino)pyridin-3-yl]pyridin-2-yl]phthalazin-1-one
6 water water
#
_entity_poly.entity_id   1
_entity_poly.type   'polypeptide(L)'
_entity_poly.pdbx_seq_one_letter_code
;MGSWEIDPKDLTFLKELGTGQFGVVKYGKWRGQYDVAIKMIKEGSMSEDEFIEEAKVMMNLSHEKLVQLYGVCTKQRPIF
IITEYMANGCLLNYLREMRHRFQTQQLLEMCKDVCEAMEYLESKQFLHRDLAARNCLVNDQGVVKVSDFGLSRYVLDDEY
TSSVGSKFPVRWSPPEVLMYSKFSSKSDIWAFGVLMWEIYSLGKMPYERFTNSETAEHIAQGLRLYRPHLASEKVYTIMY
SCWHEKADERPTFKILLSNILDVMDENLYFQ
;
_entity_poly.pdbx_strand_id   A
#
loop_
_chem_comp.id
_chem_comp.type
_chem_comp.name
_chem_comp.formula
6XL non-polymer 6-~{tert}-butyl-8-fluoranyl-2-[3-(hydroxymethyl)-4-[1-methyl-6-oxidanylidene-5-(pyrimidin-4-ylamino)pyridin-3-yl]pyridin-2-yl]phthalazin-1-one 'C28 H26 F N7 O3'
GOL non-polymer GLYCEROL 'C3 H8 O3'
PG0 non-polymer 2-(2-METHOXYETHOXY)ETHANOL 'C5 H12 O3'
SO4 non-polymer 'SULFATE ION' 'O4 S -2'
#
# COMPACT_ATOMS: atom_id res chain seq x y z
N SER A 3 -9.66 -3.32 21.31
CA SER A 3 -9.95 -2.54 20.12
C SER A 3 -10.81 -1.32 20.45
N TRP A 4 -10.44 -0.16 19.92
CA TRP A 4 -11.23 1.04 20.16
C TRP A 4 -12.57 0.93 19.42
N GLU A 5 -13.63 0.75 20.21
CA GLU A 5 -14.98 0.72 19.69
C GLU A 5 -15.51 2.14 19.71
N ILE A 6 -15.56 2.76 18.54
CA ILE A 6 -15.99 4.15 18.42
C ILE A 6 -17.51 4.21 18.41
N ASP A 7 -18.07 5.23 19.06
CA ASP A 7 -19.51 5.42 19.10
C ASP A 7 -19.94 6.07 17.77
N PRO A 8 -20.76 5.36 16.98
CA PRO A 8 -21.13 5.94 15.67
C PRO A 8 -21.86 7.27 15.79
N LYS A 9 -22.49 7.53 16.93
CA LYS A 9 -23.12 8.83 17.18
C LYS A 9 -22.12 9.98 17.14
N ASP A 10 -20.84 9.66 17.35
CA ASP A 10 -19.77 10.67 17.30
C ASP A 10 -19.27 10.96 15.88
N LEU A 11 -19.83 10.27 14.89
CA LEU A 11 -19.38 10.44 13.50
C LEU A 11 -20.39 11.28 12.73
N THR A 12 -19.88 12.27 12.01
CA THR A 12 -20.72 13.07 11.11
C THR A 12 -20.23 12.84 9.69
N PHE A 13 -21.05 12.26 8.84
CA PHE A 13 -20.67 12.03 7.44
C PHE A 13 -20.73 13.34 6.65
N LEU A 14 -19.71 13.58 5.82
CA LEU A 14 -19.65 14.83 5.03
C LEU A 14 -19.54 14.67 3.52
N LYS A 15 -18.76 13.70 3.05
CA LYS A 15 -18.54 13.57 1.61
C LYS A 15 -18.33 12.12 1.21
N GLU A 16 -18.74 11.77 0.00
CA GLU A 16 -18.44 10.47 -0.56
C GLU A 16 -17.00 10.44 -1.03
N LEU A 17 -16.26 9.38 -0.68
CA LEU A 17 -14.90 9.20 -1.17
C LEU A 17 -14.78 8.08 -2.20
N GLY A 18 -15.91 7.54 -2.62
CA GLY A 18 -15.93 6.47 -3.61
C GLY A 18 -16.02 5.10 -2.97
N THR A 19 -15.76 4.06 -3.76
CA THR A 19 -15.89 2.70 -3.29
C THR A 19 -14.56 1.97 -3.40
N GLY A 20 -14.30 1.12 -2.41
CA GLY A 20 -13.15 0.26 -2.45
C GLY A 20 -13.59 -1.19 -2.30
N GLN A 21 -12.64 -2.04 -1.96
CA GLN A 21 -12.90 -3.48 -1.95
C GLN A 21 -14.00 -3.88 -0.96
N PHE A 22 -14.18 -3.12 0.12
CA PHE A 22 -15.23 -3.39 1.08
C PHE A 22 -16.45 -2.47 0.93
N GLY A 23 -16.54 -1.76 -0.19
CA GLY A 23 -17.70 -0.93 -0.44
C GLY A 23 -17.48 0.56 -0.27
N VAL A 24 -18.51 1.25 0.22
CA VAL A 24 -18.52 2.70 0.30
C VAL A 24 -17.57 3.22 1.38
N VAL A 25 -16.84 4.28 1.06
CA VAL A 25 -16.01 4.98 2.04
C VAL A 25 -16.43 6.45 2.04
N LYS A 26 -16.59 7.03 3.22
CA LYS A 26 -16.99 8.43 3.35
C LYS A 26 -15.95 9.23 4.13
N TYR A 27 -15.87 10.52 3.84
CA TYR A 27 -15.13 11.47 4.66
C TYR A 27 -16.09 12.03 5.70
N GLY A 28 -15.63 12.20 6.93
CA GLY A 28 -16.47 12.79 7.95
C GLY A 28 -15.62 13.34 9.09
N LYS A 29 -16.29 13.71 10.17
CA LYS A 29 -15.61 14.18 11.37
C LYS A 29 -15.98 13.33 12.57
N TRP A 30 -15.02 13.15 13.47
CA TRP A 30 -15.26 12.53 14.75
C TRP A 30 -15.35 13.65 15.77
N ARG A 31 -16.44 13.64 16.53
CA ARG A 31 -16.75 14.67 17.54
C ARG A 31 -16.63 16.10 17.03
N GLY A 32 -17.09 16.29 15.78
CA GLY A 32 -17.16 17.61 15.19
C GLY A 32 -15.84 18.29 14.88
N GLN A 33 -14.73 17.58 15.04
CA GLN A 33 -13.44 18.22 14.88
C GLN A 33 -12.46 17.47 13.99
N TYR A 34 -12.29 16.18 14.23
CA TYR A 34 -11.20 15.43 13.58
C TYR A 34 -11.64 14.83 12.26
N ASP A 35 -10.89 15.13 11.20
CA ASP A 35 -11.15 14.52 9.90
C ASP A 35 -10.89 13.02 9.98
N VAL A 36 -11.82 12.22 9.48
CA VAL A 36 -11.65 10.77 9.41
C VAL A 36 -12.23 10.25 8.11
N ALA A 37 -11.78 9.06 7.71
CA ALA A 37 -12.47 8.29 6.69
C ALA A 37 -13.21 7.16 7.38
N ILE A 38 -14.37 6.82 6.83
CA ILE A 38 -15.21 5.79 7.40
C ILE A 38 -15.53 4.79 6.32
N LYS A 39 -15.05 3.57 6.49
CA LYS A 39 -15.42 2.51 5.57
C LYS A 39 -16.71 1.89 6.08
N MET A 40 -17.72 1.83 5.25
CA MET A 40 -18.94 1.10 5.57
C MET A 40 -18.80 -0.27 4.93
N ILE A 41 -18.58 -1.29 5.75
CA ILE A 41 -18.22 -2.61 5.23
C ILE A 41 -19.43 -3.31 4.63
N LYS A 42 -19.42 -3.46 3.31
CA LYS A 42 -20.54 -4.09 2.63
C LYS A 42 -20.72 -5.53 3.11
N GLU A 43 -21.95 -5.89 3.44
CA GLU A 43 -22.25 -7.26 3.83
C GLU A 43 -21.76 -8.27 2.80
N GLY A 44 -21.01 -9.27 3.25
CA GLY A 44 -20.51 -10.30 2.37
C GLY A 44 -19.14 -10.01 1.77
N SER A 45 -18.64 -8.79 1.96
CA SER A 45 -17.36 -8.42 1.35
C SER A 45 -16.15 -8.78 2.21
N MET A 46 -16.38 -9.02 3.50
CA MET A 46 -15.31 -9.18 4.48
C MET A 46 -15.58 -10.33 5.42
N SER A 47 -14.52 -11.04 5.80
CA SER A 47 -14.63 -12.05 6.84
C SER A 47 -14.65 -11.33 8.18
N GLU A 48 -15.85 -10.93 8.63
CA GLU A 48 -15.98 -9.98 9.73
C GLU A 48 -15.61 -10.55 11.10
N ASP A 49 -16.00 -11.79 11.37
CA ASP A 49 -15.68 -12.36 12.68
C ASP A 49 -14.17 -12.50 12.80
N GLU A 50 -13.53 -12.94 11.72
CA GLU A 50 -12.08 -13.07 11.68
C GLU A 50 -11.44 -11.71 11.90
N PHE A 51 -11.92 -10.70 11.20
CA PHE A 51 -11.37 -9.36 11.34
C PHE A 51 -11.51 -8.83 12.77
N ILE A 52 -12.71 -8.94 13.33
CA ILE A 52 -12.95 -8.46 14.69
C ILE A 52 -12.06 -9.17 15.70
N GLU A 53 -11.92 -10.49 15.54
CA GLU A 53 -11.07 -11.26 16.43
C GLU A 53 -9.62 -10.77 16.37
N GLU A 54 -9.17 -10.34 15.19
CA GLU A 54 -7.77 -9.99 14.98
C GLU A 54 -7.48 -8.49 14.88
N ALA A 55 -8.50 -7.65 15.03
CA ALA A 55 -8.36 -6.22 14.71
C ALA A 55 -7.43 -5.41 15.61
N LYS A 56 -7.29 -5.80 16.87
CA LYS A 56 -6.54 -5.00 17.83
C LYS A 56 -5.07 -4.83 17.43
N VAL A 57 -4.48 -5.88 16.86
CA VAL A 57 -3.10 -5.83 16.39
C VAL A 57 -2.92 -4.70 15.38
N MET A 58 -3.87 -4.59 14.46
CA MET A 58 -3.85 -3.59 13.41
CA MET A 58 -3.80 -3.58 13.43
C MET A 58 -3.98 -2.18 13.99
N MET A 59 -4.88 -2.03 14.96
CA MET A 59 -5.06 -0.73 15.59
C MET A 59 -3.86 -0.29 16.41
N ASN A 60 -3.09 -1.23 16.94
CA ASN A 60 -1.91 -0.87 17.73
CA ASN A 60 -1.94 -0.81 17.73
C ASN A 60 -0.72 -0.44 16.88
N LEU A 61 -0.87 -0.52 15.56
CA LEU A 61 0.17 -0.03 14.67
C LEU A 61 0.06 1.48 14.58
N SER A 62 1.10 2.18 15.02
CA SER A 62 1.06 3.63 15.07
C SER A 62 2.38 4.20 14.58
N HIS A 63 2.31 4.93 13.47
CA HIS A 63 3.49 5.53 12.87
C HIS A 63 3.03 6.67 11.98
N GLU A 64 3.82 7.73 11.92
CA GLU A 64 3.46 8.90 11.12
CA GLU A 64 3.49 8.90 11.12
C GLU A 64 3.23 8.57 9.65
N LYS A 65 3.90 7.54 9.14
CA LYS A 65 3.77 7.23 7.72
C LYS A 65 2.80 6.09 7.41
N LEU A 66 2.02 5.69 8.40
CA LEU A 66 0.90 4.78 8.19
C LEU A 66 -0.39 5.57 8.25
N VAL A 67 -1.35 5.28 7.37
CA VAL A 67 -2.70 5.78 7.53
C VAL A 67 -3.33 5.02 8.69
N GLN A 68 -3.46 5.67 9.84
CA GLN A 68 -3.88 5.00 11.07
C GLN A 68 -5.27 4.40 11.02
N LEU A 69 -5.40 3.20 11.56
CA LEU A 69 -6.72 2.62 11.84
C LEU A 69 -7.04 3.03 13.26
N TYR A 70 -7.98 3.95 13.43
CA TYR A 70 -8.29 4.49 14.75
C TYR A 70 -9.17 3.54 15.54
N GLY A 71 -10.24 3.04 14.92
CA GLY A 71 -11.17 2.21 15.65
C GLY A 71 -12.23 1.63 14.75
N VAL A 72 -13.21 0.97 15.36
CA VAL A 72 -14.24 0.26 14.62
C VAL A 72 -15.59 0.51 15.25
N CYS A 73 -16.65 0.31 14.47
CA CYS A 73 -18.00 0.33 15.01
C CYS A 73 -18.61 -1.01 14.65
N THR A 74 -18.81 -1.89 15.63
CA THR A 74 -19.18 -3.27 15.35
C THR A 74 -20.51 -3.68 15.97
N LYS A 75 -21.18 -2.77 16.66
CA LYS A 75 -22.40 -3.10 17.39
C LYS A 75 -23.64 -2.87 16.53
N GLN A 76 -23.46 -2.99 15.22
CA GLN A 76 -24.49 -2.66 14.26
C GLN A 76 -24.14 -3.30 12.93
N ARG A 77 -25.03 -3.18 11.95
CA ARG A 77 -24.77 -3.62 10.60
C ARG A 77 -25.09 -2.44 9.69
N PRO A 78 -24.19 -2.09 8.76
CA PRO A 78 -22.86 -2.65 8.48
C PRO A 78 -21.84 -2.19 9.52
N ILE A 79 -20.75 -2.92 9.69
CA ILE A 79 -19.71 -2.44 10.58
C ILE A 79 -18.92 -1.32 9.90
N PHE A 80 -18.30 -0.46 10.69
CA PHE A 80 -17.46 0.60 10.17
C PHE A 80 -16.03 0.39 10.58
N ILE A 81 -15.12 0.82 9.70
CA ILE A 81 -13.71 0.97 10.06
C ILE A 81 -13.38 2.45 9.96
N ILE A 82 -12.81 3.04 11.01
CA ILE A 82 -12.54 4.47 11.03
CA ILE A 82 -12.55 4.46 11.04
C ILE A 82 -11.04 4.70 10.95
N THR A 83 -10.63 5.51 9.98
CA THR A 83 -9.21 5.74 9.74
C THR A 83 -8.85 7.20 9.61
N GLU A 84 -7.54 7.45 9.62
CA GLU A 84 -6.99 8.73 9.24
C GLU A 84 -7.51 9.15 7.85
N TYR A 85 -7.71 10.45 7.67
CA TYR A 85 -8.13 11.00 6.39
C TYR A 85 -6.96 11.66 5.67
N MET A 86 -6.90 11.44 4.36
CA MET A 86 -5.80 11.93 3.52
C MET A 86 -6.39 12.72 2.37
N ALA A 87 -6.26 14.05 2.45
CA ALA A 87 -7.02 14.94 1.56
C ALA A 87 -6.68 14.83 0.08
N ASN A 88 -5.45 14.42 -0.23
CA ASN A 88 -5.06 14.34 -1.63
C ASN A 88 -5.28 12.98 -2.29
N GLY A 89 -5.86 12.04 -1.57
CA GLY A 89 -6.28 10.80 -2.16
C GLY A 89 -5.13 9.85 -2.46
N CYS A 90 -5.39 8.87 -3.32
N CYS A 90 -5.40 8.89 -3.34
CA CYS A 90 -4.39 7.86 -3.55
CA CYS A 90 -4.42 7.84 -3.58
C CYS A 90 -3.18 8.36 -4.32
C CYS A 90 -3.19 8.31 -4.38
N LEU A 91 -2.04 7.75 -4.03
CA LEU A 91 -0.77 8.17 -4.59
C LEU A 91 -0.74 7.97 -6.10
N LEU A 92 -1.33 6.90 -6.59
CA LEU A 92 -1.29 6.63 -8.03
C LEU A 92 -1.94 7.78 -8.80
N ASN A 93 -3.13 8.22 -8.37
CA ASN A 93 -3.79 9.33 -9.03
C ASN A 93 -3.04 10.66 -8.84
N TYR A 94 -2.45 10.85 -7.68
CA TYR A 94 -1.68 12.05 -7.38
C TYR A 94 -0.47 12.17 -8.30
N LEU A 95 0.24 11.07 -8.48
CA LEU A 95 1.36 11.05 -9.42
C LEU A 95 0.92 11.44 -10.83
N ARG A 96 -0.20 10.90 -11.27
CA ARG A 96 -0.65 11.13 -12.64
C ARG A 96 -1.16 12.55 -12.84
N GLU A 97 -1.79 13.12 -11.81
CA GLU A 97 -2.41 14.44 -11.92
C GLU A 97 -1.41 15.59 -11.79
N MET A 98 -0.26 15.32 -11.19
CA MET A 98 0.73 16.36 -10.96
C MET A 98 2.02 16.01 -11.67
N ARG A 99 1.94 15.13 -12.67
CA ARG A 99 3.14 14.54 -13.28
CA ARG A 99 3.15 14.55 -13.25
C ARG A 99 4.13 15.56 -13.87
N HIS A 100 3.65 16.76 -14.16
CA HIS A 100 4.55 17.77 -14.73
C HIS A 100 5.17 18.69 -13.68
N ARG A 101 4.84 18.45 -12.41
CA ARG A 101 5.24 19.34 -11.33
C ARG A 101 6.28 18.77 -10.37
N PHE A 102 6.64 17.50 -10.51
CA PHE A 102 7.55 16.90 -9.54
C PHE A 102 9.01 17.11 -9.88
N GLN A 103 9.80 17.39 -8.85
CA GLN A 103 11.24 17.32 -8.94
C GLN A 103 11.65 15.92 -8.47
N THR A 104 12.80 15.44 -8.94
CA THR A 104 13.24 14.11 -8.55
C THR A 104 13.45 13.98 -7.05
N GLN A 105 13.85 15.05 -6.37
CA GLN A 105 14.01 14.99 -4.93
C GLN A 105 12.68 14.68 -4.23
N GLN A 106 11.58 15.17 -4.78
CA GLN A 106 10.26 14.87 -4.21
C GLN A 106 9.88 13.40 -4.39
N LEU A 107 10.25 12.83 -5.53
CA LEU A 107 10.01 11.40 -5.78
C LEU A 107 10.76 10.55 -4.77
N LEU A 108 12.02 10.88 -4.49
CA LEU A 108 12.78 10.11 -3.51
C LEU A 108 12.18 10.25 -2.12
N GLU A 109 11.67 11.43 -1.80
CA GLU A 109 11.02 11.67 -0.52
C GLU A 109 9.77 10.81 -0.35
N MET A 110 9.04 10.61 -1.44
CA MET A 110 7.89 9.70 -1.41
C MET A 110 8.32 8.27 -1.09
N CYS A 111 9.42 7.83 -1.71
CA CYS A 111 9.94 6.49 -1.43
C CYS A 111 10.38 6.36 0.02
N LYS A 112 11.03 7.40 0.54
CA LYS A 112 11.43 7.42 1.94
C LYS A 112 10.22 7.31 2.88
N ASP A 113 9.17 8.08 2.61
CA ASP A 113 7.95 8.02 3.42
C ASP A 113 7.43 6.59 3.50
N VAL A 114 7.31 5.95 2.35
CA VAL A 114 6.77 4.60 2.30
C VAL A 114 7.73 3.62 2.98
N CYS A 115 9.02 3.79 2.74
CA CYS A 115 10.01 2.92 3.34
C CYS A 115 10.02 3.00 4.87
N GLU A 116 9.81 4.19 5.41
CA GLU A 116 9.70 4.34 6.88
C GLU A 116 8.51 3.57 7.44
N ALA A 117 7.36 3.69 6.78
CA ALA A 117 6.17 2.96 7.18
C ALA A 117 6.43 1.46 7.17
N MET A 118 7.08 0.99 6.09
CA MET A 118 7.31 -0.43 5.94
C MET A 118 8.38 -0.97 6.89
N GLU A 119 9.40 -0.17 7.18
CA GLU A 119 10.37 -0.54 8.20
CA GLU A 119 10.37 -0.56 8.20
C GLU A 119 9.67 -0.73 9.55
N TYR A 120 8.71 0.15 9.85
CA TYR A 120 7.96 0.01 11.08
C TYR A 120 7.13 -1.28 11.06
N LEU A 121 6.40 -1.54 9.98
CA LEU A 121 5.62 -2.78 9.92
C LEU A 121 6.52 -4.01 10.06
N GLU A 122 7.65 -4.00 9.36
CA GLU A 122 8.62 -5.09 9.43
C GLU A 122 9.06 -5.32 10.87
N SER A 123 9.30 -4.24 11.61
CA SER A 123 9.76 -4.34 13.00
C SER A 123 8.68 -4.94 13.90
N LYS A 124 7.42 -4.88 13.45
CA LYS A 124 6.29 -5.45 14.17
C LYS A 124 5.88 -6.81 13.61
N GLN A 125 6.69 -7.33 12.68
CA GLN A 125 6.40 -8.60 12.02
C GLN A 125 5.01 -8.61 11.41
N PHE A 126 4.65 -7.49 10.80
CA PHE A 126 3.31 -7.32 10.27
C PHE A 126 3.39 -7.10 8.77
N LEU A 127 2.65 -7.92 8.03
CA LEU A 127 2.69 -7.85 6.56
C LEU A 127 1.63 -6.93 6.00
N HIS A 128 2.02 -6.12 5.02
CA HIS A 128 1.03 -5.35 4.30
C HIS A 128 0.16 -6.27 3.43
N ARG A 129 0.84 -7.05 2.58
CA ARG A 129 0.26 -8.01 1.64
CA ARG A 129 0.22 -8.02 1.66
C ARG A 129 -0.31 -7.43 0.34
N ASP A 130 -0.50 -6.12 0.28
CA ASP A 130 -0.93 -5.52 -0.99
C ASP A 130 -0.37 -4.11 -1.14
N LEU A 131 0.96 -4.01 -1.02
CA LEU A 131 1.60 -2.71 -1.16
C LEU A 131 1.71 -2.32 -2.63
N ALA A 132 1.31 -1.08 -2.95
CA ALA A 132 1.27 -0.58 -4.33
C ALA A 132 0.91 0.90 -4.24
N ALA A 133 1.17 1.67 -5.29
CA ALA A 133 0.82 3.08 -5.22
C ALA A 133 -0.68 3.31 -5.00
N ARG A 134 -1.53 2.43 -5.51
CA ARG A 134 -2.97 2.59 -5.32
C ARG A 134 -3.33 2.46 -3.86
N ASN A 135 -2.47 1.81 -3.06
CA ASN A 135 -2.74 1.62 -1.63
C ASN A 135 -1.85 2.48 -0.75
N CYS A 136 -1.41 3.61 -1.30
CA CYS A 136 -0.80 4.68 -0.54
C CYS A 136 -1.66 5.90 -0.76
N LEU A 137 -1.67 6.78 0.23
CA LEU A 137 -2.48 8.00 0.16
C LEU A 137 -1.58 9.19 0.45
N VAL A 138 -2.06 10.39 0.11
CA VAL A 138 -1.25 11.60 0.22
C VAL A 138 -2.06 12.63 0.99
N ASN A 139 -1.43 13.29 1.95
CA ASN A 139 -2.16 14.28 2.73
C ASN A 139 -2.02 15.68 2.14
N ASP A 140 -2.61 16.66 2.81
CA ASP A 140 -2.63 18.04 2.32
C ASP A 140 -1.26 18.70 2.22
N GLN A 141 -0.26 18.11 2.86
CA GLN A 141 1.09 18.63 2.79
C GLN A 141 1.99 17.75 1.97
N GLY A 142 1.41 16.80 1.22
CA GLY A 142 2.19 16.02 0.28
C GLY A 142 2.93 14.83 0.88
N VAL A 143 2.68 14.55 2.15
CA VAL A 143 3.26 13.38 2.80
C VAL A 143 2.53 12.13 2.34
N VAL A 144 3.29 11.12 1.94
CA VAL A 144 2.75 9.85 1.50
C VAL A 144 2.70 8.89 2.67
N LYS A 145 1.57 8.18 2.80
CA LYS A 145 1.41 7.21 3.87
C LYS A 145 0.83 5.91 3.31
N VAL A 146 1.16 4.81 3.97
CA VAL A 146 0.75 3.49 3.51
C VAL A 146 -0.61 3.16 4.09
N SER A 147 -1.53 2.67 3.26
CA SER A 147 -2.90 2.43 3.70
CA SER A 147 -2.92 2.45 3.63
C SER A 147 -3.35 0.98 3.51
N ASP A 148 -4.30 0.57 4.36
CA ASP A 148 -4.98 -0.71 4.22
C ASP A 148 -4.07 -1.92 4.38
N PHE A 149 -3.00 -1.71 5.14
CA PHE A 149 -2.08 -2.79 5.49
C PHE A 149 -2.82 -3.89 6.24
N GLY A 150 -2.56 -5.13 5.83
CA GLY A 150 -3.11 -6.30 6.51
C GLY A 150 -4.56 -6.64 6.15
N LEU A 151 -5.27 -5.74 5.50
CA LEU A 151 -6.69 -6.00 5.25
C LEU A 151 -6.96 -7.03 4.16
N SER A 152 -5.97 -7.29 3.32
CA SER A 152 -6.17 -8.24 2.22
CA SER A 152 -6.09 -8.25 2.23
C SER A 152 -6.57 -9.62 2.73
N ARG A 153 -6.11 -9.97 3.93
CA ARG A 153 -6.45 -11.25 4.55
C ARG A 153 -7.95 -11.48 4.72
N TYR A 154 -8.73 -10.41 4.84
CA TYR A 154 -10.15 -10.54 5.19
C TYR A 154 -11.08 -10.38 4.00
N VAL A 155 -10.51 -10.25 2.80
CA VAL A 155 -11.30 -10.04 1.60
C VAL A 155 -12.02 -11.30 1.15
N LEU A 156 -13.33 -11.19 0.91
CA LEU A 156 -14.10 -12.27 0.32
C LEU A 156 -14.41 -11.87 -1.11
N ASP A 157 -13.60 -12.35 -2.04
CA ASP A 157 -13.76 -12.04 -3.45
C ASP A 157 -12.78 -12.94 -4.18
N ASP A 158 -13.32 -13.99 -4.81
CA ASP A 158 -12.45 -15.00 -5.40
C ASP A 158 -11.60 -14.45 -6.54
N GLU A 159 -12.02 -13.37 -7.18
CA GLU A 159 -11.21 -12.81 -8.25
C GLU A 159 -9.98 -12.08 -7.69
N TYR A 160 -10.03 -11.74 -6.41
CA TYR A 160 -8.92 -11.09 -5.73
C TYR A 160 -8.02 -12.07 -4.99
N THR A 161 -8.61 -13.09 -4.37
CA THR A 161 -7.83 -14.02 -3.55
C THR A 161 -7.17 -15.15 -4.36
N SER A 162 -7.71 -15.47 -5.53
CA SER A 162 -7.10 -16.48 -6.41
C SER A 162 -5.92 -15.85 -7.14
N SER A 163 -4.77 -16.53 -7.15
CA SER A 163 -3.59 -16.02 -7.83
C SER A 163 -3.81 -15.87 -9.34
N VAL A 164 -4.83 -16.54 -9.87
CA VAL A 164 -5.16 -16.41 -11.28
C VAL A 164 -6.44 -15.59 -11.48
N GLY A 165 -6.92 -14.97 -10.41
CA GLY A 165 -8.06 -14.07 -10.49
C GLY A 165 -7.69 -12.76 -11.15
N SER A 166 -8.68 -12.10 -11.74
CA SER A 166 -8.40 -10.89 -12.50
C SER A 166 -8.12 -9.67 -11.63
N LYS A 167 -8.32 -9.79 -10.33
CA LYS A 167 -8.05 -8.69 -9.41
C LYS A 167 -6.80 -8.93 -8.55
N PHE A 168 -6.20 -10.11 -8.66
CA PHE A 168 -5.03 -10.41 -7.82
C PHE A 168 -3.89 -9.50 -8.23
N PRO A 169 -3.13 -8.97 -7.26
CA PRO A 169 -2.04 -8.01 -7.56
C PRO A 169 -0.78 -8.69 -8.11
N VAL A 170 -0.94 -9.38 -9.24
CA VAL A 170 0.16 -10.10 -9.86
C VAL A 170 1.38 -9.23 -10.12
N ARG A 171 1.16 -8.00 -10.58
CA ARG A 171 2.27 -7.15 -11.01
C ARG A 171 3.14 -6.64 -9.85
N TRP A 172 2.69 -6.87 -8.61
CA TRP A 172 3.41 -6.45 -7.41
C TRP A 172 3.92 -7.68 -6.65
N SER A 173 3.75 -8.86 -7.22
CA SER A 173 4.01 -10.11 -6.48
C SER A 173 5.31 -10.81 -6.89
N PRO A 174 6.09 -11.29 -5.92
CA PRO A 174 7.29 -12.06 -6.25
C PRO A 174 6.94 -13.49 -6.66
N PRO A 175 7.90 -14.21 -7.26
CA PRO A 175 7.66 -15.60 -7.70
C PRO A 175 7.09 -16.52 -6.62
N GLU A 176 7.54 -16.41 -5.38
CA GLU A 176 7.08 -17.35 -4.35
C GLU A 176 5.64 -17.08 -3.93
N VAL A 177 5.13 -15.88 -4.15
CA VAL A 177 3.73 -15.62 -3.92
C VAL A 177 2.91 -16.21 -5.07
N LEU A 178 3.36 -15.97 -6.29
CA LEU A 178 2.63 -16.47 -7.46
C LEU A 178 2.61 -17.99 -7.51
N MET A 179 3.69 -18.62 -7.07
CA MET A 179 3.82 -20.09 -7.15
CA MET A 179 3.78 -20.09 -7.16
C MET A 179 3.27 -20.81 -5.92
N TYR A 180 3.50 -20.23 -4.75
CA TYR A 180 3.24 -20.95 -3.49
C TYR A 180 2.35 -20.23 -2.49
N SER A 181 1.89 -19.02 -2.82
CA SER A 181 1.18 -18.19 -1.86
C SER A 181 2.01 -17.99 -0.59
N LYS A 182 3.32 -17.88 -0.74
CA LYS A 182 4.20 -17.69 0.41
C LYS A 182 4.47 -16.21 0.67
N PHE A 183 3.70 -15.62 1.58
CA PHE A 183 3.85 -14.22 1.92
C PHE A 183 4.81 -14.05 3.08
N SER A 184 5.59 -12.98 3.04
CA SER A 184 6.55 -12.69 4.08
C SER A 184 6.95 -11.24 3.95
N SER A 185 7.78 -10.74 4.85
CA SER A 185 8.24 -9.37 4.68
C SER A 185 9.00 -9.23 3.36
N LYS A 186 9.58 -10.33 2.88
CA LYS A 186 10.29 -10.29 1.60
C LYS A 186 9.34 -10.17 0.40
N SER A 187 8.09 -10.58 0.54
CA SER A 187 7.15 -10.31 -0.54
C SER A 187 6.69 -8.84 -0.52
N ASP A 188 6.59 -8.26 0.67
CA ASP A 188 6.38 -6.82 0.76
C ASP A 188 7.58 -6.03 0.17
N ILE A 189 8.80 -6.56 0.35
CA ILE A 189 9.98 -5.94 -0.25
C ILE A 189 9.88 -5.87 -1.77
N TRP A 190 9.49 -6.99 -2.40
CA TRP A 190 9.32 -7.00 -3.84
C TRP A 190 8.31 -5.93 -4.27
N ALA A 191 7.16 -5.91 -3.61
CA ALA A 191 6.12 -4.95 -3.95
C ALA A 191 6.60 -3.52 -3.80
N PHE A 192 7.40 -3.27 -2.76
CA PHE A 192 7.96 -1.95 -2.56
C PHE A 192 8.84 -1.52 -3.74
N GLY A 193 9.63 -2.45 -4.28
CA GLY A 193 10.42 -2.12 -5.45
C GLY A 193 9.54 -1.71 -6.62
N VAL A 194 8.46 -2.45 -6.84
CA VAL A 194 7.51 -2.08 -7.89
C VAL A 194 6.89 -0.69 -7.59
N LEU A 195 6.58 -0.44 -6.33
CA LEU A 195 6.06 0.86 -5.93
CA LEU A 195 6.06 0.86 -5.93
C LEU A 195 7.07 1.96 -6.25
N MET A 196 8.34 1.73 -5.95
CA MET A 196 9.35 2.72 -6.33
C MET A 196 9.32 2.99 -7.83
N TRP A 197 9.18 1.93 -8.62
CA TRP A 197 9.07 2.06 -10.06
C TRP A 197 7.84 2.88 -10.45
N GLU A 198 6.70 2.62 -9.79
CA GLU A 198 5.50 3.44 -10.05
C GLU A 198 5.74 4.93 -9.77
N ILE A 199 6.41 5.22 -8.67
CA ILE A 199 6.71 6.59 -8.30
C ILE A 199 7.60 7.26 -9.36
N TYR A 200 8.71 6.60 -9.71
CA TYR A 200 9.65 7.21 -10.66
C TYR A 200 9.15 7.25 -12.10
N SER A 201 8.16 6.42 -12.44
CA SER A 201 7.54 6.47 -13.75
CA SER A 201 7.53 6.46 -13.75
C SER A 201 6.33 7.39 -13.77
N LEU A 202 6.10 8.08 -12.64
CA LEU A 202 4.97 8.99 -12.48
C LEU A 202 3.63 8.30 -12.70
N GLY A 203 3.52 7.08 -12.19
CA GLY A 203 2.24 6.38 -12.15
C GLY A 203 1.90 5.52 -13.35
N LYS A 204 2.91 5.04 -14.07
CA LYS A 204 2.64 4.10 -15.14
C LYS A 204 2.26 2.73 -14.57
N MET A 205 1.53 1.95 -15.35
CA MET A 205 1.17 0.60 -14.96
C MET A 205 2.36 -0.34 -15.20
N PRO A 206 2.77 -1.08 -14.15
CA PRO A 206 3.88 -2.03 -14.36
C PRO A 206 3.50 -3.12 -15.34
N TYR A 207 4.43 -3.41 -16.26
CA TYR A 207 4.23 -4.44 -17.29
C TYR A 207 2.97 -4.17 -18.12
N GLU A 208 2.69 -2.90 -18.37
CA GLU A 208 1.55 -2.53 -19.22
C GLU A 208 1.64 -3.29 -20.54
N ARG A 209 0.47 -3.70 -21.04
CA ARG A 209 0.32 -4.49 -22.28
CA ARG A 209 0.32 -4.48 -22.29
C ARG A 209 0.56 -5.99 -22.08
N PHE A 210 1.22 -6.37 -21.00
CA PHE A 210 1.30 -7.80 -20.64
C PHE A 210 0.06 -8.13 -19.83
N THR A 211 -0.52 -9.32 -20.04
CA THR A 211 -1.58 -9.77 -19.14
C THR A 211 -0.97 -10.20 -17.81
N ASN A 212 -1.82 -10.50 -16.84
CA ASN A 212 -1.33 -11.00 -15.57
C ASN A 212 -0.53 -12.29 -15.71
N SER A 213 -1.05 -13.23 -16.49
CA SER A 213 -0.35 -14.50 -16.64
C SER A 213 0.95 -14.34 -17.43
N GLU A 214 0.98 -13.42 -18.40
CA GLU A 214 2.21 -13.13 -19.12
C GLU A 214 3.24 -12.47 -18.21
N THR A 215 2.78 -11.59 -17.34
CA THR A 215 3.66 -10.98 -16.34
C THR A 215 4.27 -12.07 -15.45
N ALA A 216 3.43 -12.95 -14.94
CA ALA A 216 3.90 -14.02 -14.06
C ALA A 216 4.93 -14.90 -14.76
N GLU A 217 4.59 -15.33 -15.98
CA GLU A 217 5.44 -16.20 -16.76
C GLU A 217 6.81 -15.55 -16.96
N HIS A 218 6.80 -14.27 -17.34
CA HIS A 218 8.03 -13.62 -17.73
C HIS A 218 8.90 -13.17 -16.54
N ILE A 219 8.29 -12.74 -15.45
CA ILE A 219 9.10 -12.41 -14.27
C ILE A 219 9.71 -13.67 -13.63
N ALA A 220 9.01 -14.81 -13.74
CA ALA A 220 9.56 -16.06 -13.23
C ALA A 220 10.80 -16.42 -14.02
N GLN A 221 10.85 -16.02 -15.27
CA GLN A 221 11.98 -16.30 -16.14
C GLN A 221 13.05 -15.20 -16.10
N GLY A 222 12.81 -14.17 -15.30
CA GLY A 222 13.83 -13.14 -15.09
C GLY A 222 13.57 -11.74 -15.64
N LEU A 223 12.45 -11.54 -16.33
CA LEU A 223 12.09 -10.20 -16.82
C LEU A 223 11.99 -9.25 -15.63
N ARG A 224 12.55 -8.04 -15.75
CA ARG A 224 12.39 -7.02 -14.71
C ARG A 224 12.00 -5.68 -15.33
N LEU A 225 11.31 -4.86 -14.54
CA LEU A 225 10.95 -3.51 -14.95
C LEU A 225 12.18 -2.68 -15.29
N TYR A 226 12.10 -1.98 -16.41
CA TYR A 226 13.18 -1.13 -16.90
C TYR A 226 13.37 0.10 -16.01
N ARG A 227 14.52 0.75 -16.14
CA ARG A 227 14.79 1.94 -15.34
CA ARG A 227 14.82 1.94 -15.36
C ARG A 227 14.01 3.13 -15.87
N PRO A 228 13.15 3.72 -15.02
CA PRO A 228 12.43 4.91 -15.49
C PRO A 228 13.39 6.06 -15.78
N HIS A 229 13.02 6.87 -16.77
CA HIS A 229 13.83 8.02 -17.16
CA HIS A 229 13.78 8.05 -17.17
C HIS A 229 14.26 8.89 -15.99
N LEU A 230 13.34 9.12 -15.04
CA LEU A 230 13.65 9.98 -13.91
C LEU A 230 14.46 9.33 -12.78
N ALA A 231 14.67 8.02 -12.84
CA ALA A 231 15.46 7.36 -11.82
C ALA A 231 16.93 7.35 -12.18
N SER A 232 17.76 7.87 -11.27
CA SER A 232 19.20 7.74 -11.41
C SER A 232 19.60 6.28 -11.26
N GLU A 233 20.83 5.97 -11.64
CA GLU A 233 21.34 4.61 -11.48
C GLU A 233 21.33 4.16 -10.03
N LYS A 234 21.66 5.05 -9.11
CA LYS A 234 21.65 4.73 -7.69
C LYS A 234 20.24 4.36 -7.23
N VAL A 235 19.26 5.14 -7.67
CA VAL A 235 17.87 4.87 -7.31
C VAL A 235 17.41 3.53 -7.93
N TYR A 236 17.77 3.30 -9.19
CA TYR A 236 17.40 2.05 -9.84
C TYR A 236 18.00 0.84 -9.14
N THR A 237 19.24 0.97 -8.67
CA THR A 237 19.90 -0.12 -7.97
C THR A 237 19.09 -0.49 -6.72
N ILE A 238 18.51 0.52 -6.07
CA ILE A 238 17.73 0.28 -4.87
C ILE A 238 16.45 -0.49 -5.21
N MET A 239 15.67 -0.01 -6.18
CA MET A 239 14.44 -0.71 -6.52
C MET A 239 14.75 -2.12 -7.08
N TYR A 240 15.81 -2.24 -7.87
CA TYR A 240 16.15 -3.52 -8.50
C TYR A 240 16.54 -4.57 -7.45
N SER A 241 17.14 -4.13 -6.36
CA SER A 241 17.53 -5.04 -5.28
C SER A 241 16.34 -5.75 -4.63
N CYS A 242 15.16 -5.15 -4.76
CA CYS A 242 13.93 -5.72 -4.22
C CYS A 242 13.44 -6.90 -5.01
N TRP A 243 14.02 -7.10 -6.20
CA TRP A 243 13.49 -8.08 -7.13
C TRP A 243 14.37 -9.31 -7.31
N HIS A 244 15.22 -9.61 -6.34
CA HIS A 244 15.98 -10.86 -6.42
C HIS A 244 15.00 -12.02 -6.48
N GLU A 245 15.26 -12.97 -7.38
CA GLU A 245 14.41 -14.15 -7.49
C GLU A 245 14.27 -14.86 -6.14
N LYS A 246 15.39 -14.98 -5.43
CA LYS A 246 15.42 -15.65 -4.14
C LYS A 246 15.09 -14.67 -3.01
N ALA A 247 14.07 -14.99 -2.22
CA ALA A 247 13.59 -14.09 -1.19
C ALA A 247 14.68 -13.74 -0.19
N ASP A 248 15.53 -14.71 0.14
CA ASP A 248 16.54 -14.48 1.15
C ASP A 248 17.69 -13.57 0.68
N GLU A 249 17.74 -13.29 -0.62
CA GLU A 249 18.74 -12.35 -1.15
C GLU A 249 18.21 -10.91 -1.21
N ARG A 250 16.94 -10.72 -0.90
CA ARG A 250 16.37 -9.38 -0.91
C ARG A 250 16.73 -8.66 0.39
N PRO A 251 16.88 -7.32 0.31
CA PRO A 251 17.16 -6.54 1.52
C PRO A 251 15.98 -6.51 2.47
N THR A 252 16.22 -5.99 3.68
CA THR A 252 15.15 -5.65 4.61
C THR A 252 14.77 -4.19 4.37
N PHE A 253 13.66 -3.78 4.95
CA PHE A 253 13.27 -2.37 4.85
C PHE A 253 14.22 -1.46 5.62
N LYS A 254 14.85 -2.00 6.66
CA LYS A 254 15.87 -1.25 7.39
C LYS A 254 17.05 -0.93 6.48
N ILE A 255 17.50 -1.91 5.71
CA ILE A 255 18.56 -1.69 4.75
C ILE A 255 18.12 -0.72 3.64
N LEU A 256 16.92 -0.90 3.10
CA LEU A 256 16.43 -0.01 2.04
C LEU A 256 16.37 1.43 2.51
N LEU A 257 15.94 1.63 3.75
CA LEU A 257 15.81 2.98 4.28
C LEU A 257 17.19 3.61 4.35
N SER A 258 18.16 2.84 4.82
CA SER A 258 19.54 3.31 4.87
C SER A 258 20.07 3.68 3.48
N ASN A 259 19.78 2.82 2.49
CA ASN A 259 20.15 3.11 1.12
C ASN A 259 19.55 4.42 0.62
N ILE A 260 18.26 4.61 0.91
CA ILE A 260 17.56 5.80 0.45
C ILE A 260 18.13 7.06 1.10
N LEU A 261 18.36 7.01 2.40
CA LEU A 261 18.96 8.14 3.11
C LEU A 261 20.35 8.47 2.58
N ASP A 262 21.13 7.45 2.24
CA ASP A 262 22.46 7.66 1.69
C ASP A 262 22.40 8.43 0.37
N VAL A 263 21.46 8.07 -0.50
CA VAL A 263 21.29 8.78 -1.76
C VAL A 263 20.90 10.23 -1.52
N MET A 264 20.00 10.46 -0.56
CA MET A 264 19.59 11.80 -0.22
C MET A 264 20.76 12.66 0.27
N ASP A 265 21.60 12.09 1.12
CA ASP A 265 22.75 12.82 1.66
C ASP A 265 23.76 13.20 0.59
N GLU A 266 23.95 12.31 -0.38
CA GLU A 266 24.88 12.55 -1.47
C GLU A 266 24.38 13.66 -2.39
N ASN A 267 23.06 13.85 -2.41
CA ASN A 267 22.44 14.82 -3.30
C ASN A 267 21.83 16.00 -2.56
S SO4 B . -23.46 -4.24 23.20
O1 SO4 B . -24.48 -4.09 24.23
O2 SO4 B . -23.80 -3.35 22.07
O3 SO4 B . -23.42 -5.61 22.72
O4 SO4 B . -22.15 -3.87 23.74
S SO4 C . 9.47 6.34 -18.26
O1 SO4 C . 9.13 7.58 -18.95
O2 SO4 C . 9.26 6.51 -16.82
O3 SO4 C . 10.88 6.04 -18.50
O4 SO4 C . 8.62 5.26 -18.75
C1 GOL D . -4.06 -5.60 -18.96
O1 GOL D . -3.71 -6.94 -19.25
C2 GOL D . -2.99 -4.56 -19.35
O2 GOL D . -1.68 -5.04 -19.46
C3 GOL D . -3.44 -3.75 -20.56
O3 GOL D . -2.38 -2.93 -21.02
C1 GOL E . -4.73 -11.90 -2.21
O1 GOL E . -5.12 -12.85 -1.23
C2 GOL E . -3.58 -11.04 -1.67
O2 GOL E . -3.19 -11.38 -0.35
C3 GOL E . -2.41 -10.95 -2.65
O3 GOL E . -1.36 -10.19 -2.08
C5 PG0 F . -5.02 14.91 12.35
O2 PG0 F . -6.07 13.96 12.54
C4 PG0 F . -6.00 13.29 13.80
C3 PG0 F . -7.31 12.51 13.94
O1 PG0 F . -7.43 11.79 15.16
C2 PG0 F . -8.69 11.12 15.14
C1 PG0 F . -8.99 10.37 16.44
OTT PG0 F . -10.27 9.72 16.31
C4 6XL G . -7.68 -4.99 1.11
C14 6XL G . -9.72 -1.38 1.32
C5 6XL G . -8.20 -2.77 0.11
C6 6XL G . -8.15 -1.84 -0.90
C11 6XL G . -10.41 0.87 0.36
C7 6XL G . -8.89 -0.65 -0.81
C8 6XL G . -8.80 0.35 -1.86
C13 6XL G . -9.72 -0.41 0.29
C3 6XL G . -7.70 -4.74 -1.37
C1 6XL G . -5.89 -3.66 -0.03
C2 6XL G . -7.38 -4.04 -0.04
N9 6XL G . -9.40 1.47 -1.74
N10 6XL G . -10.19 1.77 -0.64
O12 6XL G . -11.14 1.17 1.32
C15 6XL G . -9.00 -2.55 1.22
F16 6XL G . -10.48 -1.17 2.42
C17 6XL G . -10.74 3.04 -0.61
C18 6XL G . -10.02 4.02 0.07
C19 6XL G . -10.54 5.33 0.11
C20 6XL G . -11.76 5.53 -0.53
C21 6XL G . -12.41 4.50 -1.20
N22 6XL G . -11.88 3.29 -1.23
C23 6XL G . -9.91 6.48 0.83
C24 6XL G . -9.81 7.77 0.25
C25 6XL G . -9.26 8.80 0.98
C26 6XL G . -8.79 8.58 2.30
O27 6XL G . -8.31 9.50 2.95
N28 6XL G . -8.88 7.36 2.82
C29 6XL G . -9.44 6.33 2.12
C30 6XL G . -8.37 7.13 4.18
N31 6XL G . -9.09 10.13 0.53
C32 6XL G . -9.68 10.72 -0.55
C33 6XL G . -9.47 12.09 -0.74
C34 6XL G . -10.05 12.70 -1.83
N35 6XL G . -10.81 11.97 -2.65
C36 6XL G . -11.00 10.69 -2.45
N37 6XL G . -10.44 10.06 -1.42
C38 6XL G . -8.68 3.68 0.67
O39 6XL G . -8.74 3.16 1.98
#